data_8RVB
#
_entry.id   8RVB
#
_cell.length_a   167.757
_cell.length_b   167.757
_cell.length_c   51.677
_cell.angle_alpha   90.000
_cell.angle_beta   90.000
_cell.angle_gamma   120.000
#
_symmetry.space_group_name_H-M   'P 31 2 1'
#
loop_
_entity.id
_entity.type
_entity.pdbx_description
1 polymer "2'-O-methyltransferase nsp16"
2 polymer 'Non-structural protein 10'
3 non-polymer '2-(N-MORPHOLINO)-ETHANESULFONIC ACID'
4 non-polymer (2~{R},3~{R},4~{S},5~{S})-2-(6-aminopurin-9-yl)-5-[2-(1~{H}-1,2,3-triazol-4-yl)ethylsulfanylmethyl]oxolane-3,4-diol
5 non-polymer 'ZINC ION'
6 water water
#
loop_
_entity_poly.entity_id
_entity_poly.type
_entity_poly.pdbx_seq_one_letter_code
_entity_poly.pdbx_strand_id
1 'polypeptide(L)'
;GSMASSQAWQPGVAMPNLYKMQRMLLEKCDLQNYGDSATLPKGIMMNVAKYTQLCQYLNTLTLAVPYNMRVIHFGAGSDK
GVAPGTAVLRQWLPTGTLLVDSDLNDFVSDADSTLIGDCATVHTANKWDLIISDMYDPKTKNVTKENDSKEGFFTYICGF
IQQKLALGGSVAIKITEHSWNADLYKLMGHFAWWTAFVTNVNASSSEAFLIGCNYLGKPREQIDGYVMHANYIFWRNTNP
IQLSSYSLFDMSKFPLKLRGTAVMSLKEGQINDMILSLLSKGRLIIRENNRVVISSDVLVNN
;
A
2 'polypeptide(L)'
;GSMAGNATEVPANSTVLSFCAFAVDAAKAYKDYLASGGQPITNCVKMLCTHTGTGQAITVTPEANMDQESFGGASCCLYC
RCHIDHPNPKGFCDLKGKYVQIPTTCANDPVGFTLKNTVCTVCGMWKGYGCSCDQLREPMLQ
;
B
#
# COMPACT_ATOMS: atom_id res chain seq x y z
N SER A 5 -13.83 3.53 24.18
CA SER A 5 -12.96 3.17 23.05
C SER A 5 -12.80 1.66 22.89
N SER A 6 -13.92 1.00 22.59
CA SER A 6 -13.87 -0.25 21.85
C SER A 6 -13.19 -0.07 20.49
N GLN A 7 -12.89 1.18 20.12
CA GLN A 7 -12.12 1.49 18.94
C GLN A 7 -10.74 0.84 18.95
N ALA A 8 -10.21 0.47 20.12
CA ALA A 8 -8.85 -0.02 20.21
C ALA A 8 -8.65 -1.37 19.54
N TRP A 9 -9.71 -2.16 19.35
CA TRP A 9 -9.58 -3.44 18.65
C TRP A 9 -9.93 -3.34 17.17
N GLN A 10 -10.40 -2.20 16.70
CA GLN A 10 -10.57 -1.97 15.26
C GLN A 10 -9.23 -1.63 14.63
N PRO A 11 -9.14 -1.64 13.29
CA PRO A 11 -7.88 -1.25 12.63
C PRO A 11 -7.62 0.25 12.74
N GLY A 12 -8.64 1.04 13.06
CA GLY A 12 -8.49 2.48 13.12
C GLY A 12 -9.87 3.09 13.31
N VAL A 13 -9.97 4.39 13.06
CA VAL A 13 -11.21 5.12 13.31
C VAL A 13 -11.54 5.95 12.08
N ALA A 14 -12.76 5.82 11.59
CA ALA A 14 -13.24 6.63 10.46
C ALA A 14 -13.98 7.86 10.96
N MET A 15 -13.87 8.94 10.21
CA MET A 15 -14.51 10.21 10.60
C MET A 15 -16.03 10.05 10.71
N PRO A 16 -16.61 10.29 11.89
CA PRO A 16 -18.07 10.10 12.05
C PRO A 16 -18.86 11.03 11.15
N ASN A 17 -19.99 10.53 10.64
CA ASN A 17 -20.76 11.29 9.65
C ASN A 17 -21.17 12.66 10.15
N LEU A 18 -21.48 12.80 11.44
CA LEU A 18 -21.91 14.11 11.92
C LEU A 18 -20.81 15.15 11.81
N TYR A 19 -19.53 14.75 11.95
CA TYR A 19 -18.46 15.73 11.78
C TYR A 19 -18.37 16.19 10.33
N LYS A 20 -18.69 15.32 9.39
CA LYS A 20 -18.66 15.71 7.98
C LYS A 20 -19.70 16.79 7.66
N MET A 21 -20.74 16.90 8.47
CA MET A 21 -21.86 17.80 8.20
C MET A 21 -21.67 19.17 8.82
N GLN A 22 -20.58 19.42 9.54
CA GLN A 22 -20.40 20.71 10.18
C GLN A 22 -19.89 21.75 9.18
N ARG A 23 -19.80 23.00 9.63
CA ARG A 23 -19.09 24.06 8.90
C ARG A 23 -18.10 24.70 9.85
N MET A 24 -16.99 24.03 10.09
CA MET A 24 -16.02 24.53 11.06
C MET A 24 -15.02 25.43 10.35
N LEU A 25 -14.44 26.35 11.11
CA LEU A 25 -13.32 27.13 10.61
C LEU A 25 -12.05 26.33 10.84
N LEU A 26 -11.09 26.52 9.94
CA LEU A 26 -9.84 25.77 10.06
C LEU A 26 -9.04 26.24 11.27
N GLU A 27 -8.61 25.29 12.08
CA GLU A 27 -7.80 25.57 13.25
C GLU A 27 -6.51 24.77 13.18
N LYS A 28 -5.55 25.15 14.00
CA LYS A 28 -4.33 24.36 14.15
C LYS A 28 -4.68 22.98 14.72
N CYS A 29 -4.03 21.93 14.21
CA CYS A 29 -4.29 20.61 14.75
C CYS A 29 -3.41 20.42 15.99
N ASP A 30 -4.04 20.04 17.11
CA ASP A 30 -3.34 19.90 18.38
C ASP A 30 -3.82 18.59 19.00
N LEU A 31 -3.06 17.52 18.75
CA LEU A 31 -3.47 16.18 19.17
C LEU A 31 -3.03 15.92 20.60
N GLN A 32 -3.98 15.50 21.44
CA GLN A 32 -3.66 15.15 22.83
C GLN A 32 -2.58 14.07 22.90
N ASN A 33 -2.70 13.04 22.08
CA ASN A 33 -1.78 11.92 22.09
C ASN A 33 -0.53 12.17 21.24
N TYR A 34 -0.32 13.40 20.80
CA TYR A 34 0.89 13.77 20.05
C TYR A 34 2.13 13.27 20.77
N GLY A 35 3.03 12.63 20.02
CA GLY A 35 4.27 12.15 20.58
C GLY A 35 4.21 10.79 21.24
N ASP A 36 3.02 10.29 21.57
CA ASP A 36 2.89 8.88 21.93
C ASP A 36 3.14 8.00 20.70
N SER A 37 3.56 6.76 20.94
CA SER A 37 3.79 5.79 19.88
C SER A 37 3.19 4.46 20.29
N ALA A 38 2.59 3.75 19.33
CA ALA A 38 2.08 2.41 19.58
C ALA A 38 3.23 1.42 19.69
N THR A 39 2.99 0.34 20.41
CA THR A 39 3.96 -0.75 20.53
C THR A 39 3.78 -1.69 19.35
N LEU A 40 4.69 -1.62 18.39
CA LEU A 40 4.53 -2.50 17.24
C LEU A 40 5.01 -3.91 17.60
N PRO A 41 4.44 -4.94 16.97
CA PRO A 41 5.00 -6.29 17.15
C PRO A 41 6.47 -6.31 16.79
N LYS A 42 7.20 -7.22 17.44
CA LYS A 42 8.64 -7.28 17.30
C LYS A 42 9.05 -7.33 15.84
N GLY A 43 9.91 -6.38 15.44
CA GLY A 43 10.48 -6.34 14.11
C GLY A 43 9.58 -5.83 13.01
N ILE A 44 8.39 -5.32 13.32
CA ILE A 44 7.45 -4.87 12.30
C ILE A 44 7.61 -3.36 12.10
N MET A 45 7.76 -2.94 10.84
CA MET A 45 7.88 -1.54 10.47
C MET A 45 6.56 -0.79 10.63
N MET A 46 6.64 0.48 11.04
CA MET A 46 5.45 1.33 11.08
C MET A 46 4.66 1.24 9.77
N ASN A 47 5.33 1.30 8.62
CA ASN A 47 4.55 1.38 7.40
C ASN A 47 3.91 0.06 7.04
N VAL A 48 4.48 -1.08 7.46
CA VAL A 48 3.77 -2.35 7.29
C VAL A 48 2.50 -2.36 8.15
N ALA A 49 2.64 -1.95 9.42
CA ALA A 49 1.51 -1.91 10.33
C ALA A 49 0.43 -0.95 9.83
N LYS A 50 0.85 0.20 9.30
CA LYS A 50 -0.09 1.20 8.80
C LYS A 50 -0.88 0.69 7.61
N TYR A 51 -0.17 0.15 6.60
CA TYR A 51 -0.90 -0.39 5.45
C TYR A 51 -1.75 -1.58 5.83
N THR A 52 -1.30 -2.41 6.77
CA THR A 52 -2.14 -3.54 7.19
C THR A 52 -3.46 -3.05 7.76
N GLN A 53 -3.41 -2.02 8.62
CA GLN A 53 -4.63 -1.47 9.21
C GLN A 53 -5.50 -0.76 8.17
N LEU A 54 -4.88 -0.08 7.19
CA LEU A 54 -5.65 0.48 6.09
C LEU A 54 -6.40 -0.62 5.34
N CYS A 55 -5.70 -1.70 4.99
CA CYS A 55 -6.36 -2.78 4.25
C CYS A 55 -7.42 -3.48 5.10
N GLN A 56 -7.16 -3.69 6.40
CA GLN A 56 -8.19 -4.22 7.30
C GLN A 56 -9.45 -3.36 7.29
N TYR A 57 -9.29 -2.03 7.22
CA TYR A 57 -10.47 -1.18 7.16
C TYR A 57 -11.15 -1.26 5.79
N LEU A 58 -10.35 -1.29 4.72
CA LEU A 58 -10.94 -1.40 3.38
C LEU A 58 -11.71 -2.70 3.23
N ASN A 59 -11.35 -3.74 3.98
CA ASN A 59 -12.13 -4.98 3.99
C ASN A 59 -13.57 -4.76 4.47
N THR A 60 -13.85 -3.67 5.19
CA THR A 60 -15.21 -3.44 5.67
C THR A 60 -16.07 -2.66 4.69
N LEU A 61 -15.51 -2.21 3.58
CA LEU A 61 -16.25 -1.40 2.62
C LEU A 61 -16.66 -2.24 1.43
N THR A 62 -17.56 -1.68 0.61
CA THR A 62 -18.08 -2.37 -0.57
C THR A 62 -17.17 -2.12 -1.79
N LEU A 63 -15.90 -2.52 -1.65
CA LEU A 63 -14.97 -2.43 -2.77
C LEU A 63 -15.38 -3.38 -3.88
N ALA A 64 -15.29 -2.90 -5.11
CA ALA A 64 -15.41 -3.76 -6.28
C ALA A 64 -14.12 -4.57 -6.45
N VAL A 65 -14.25 -5.89 -6.59
CA VAL A 65 -13.07 -6.73 -6.73
C VAL A 65 -13.22 -7.64 -7.94
N PRO A 66 -12.93 -7.15 -9.13
CA PRO A 66 -13.07 -7.97 -10.34
C PRO A 66 -11.94 -8.98 -10.48
N TYR A 67 -12.16 -9.95 -11.37
CA TYR A 67 -11.04 -10.72 -11.89
C TYR A 67 -10.09 -9.79 -12.61
N ASN A 68 -8.80 -10.09 -12.56
CA ASN A 68 -7.78 -9.25 -13.20
C ASN A 68 -7.89 -7.80 -12.70
N MET A 69 -8.01 -7.67 -11.39
CA MET A 69 -8.09 -6.36 -10.77
C MET A 69 -6.83 -5.56 -11.07
N ARG A 70 -6.99 -4.23 -11.16
CA ARG A 70 -5.91 -3.32 -11.52
C ARG A 70 -5.76 -2.29 -10.41
N VAL A 71 -4.59 -2.28 -9.76
CA VAL A 71 -4.33 -1.39 -8.63
C VAL A 71 -3.05 -0.63 -8.91
N ILE A 72 -3.07 0.69 -8.68
CA ILE A 72 -1.87 1.50 -8.80
C ILE A 72 -1.59 2.19 -7.46
N HIS A 73 -0.30 2.23 -7.09
CA HIS A 73 0.16 2.67 -5.77
C HIS A 73 1.20 3.77 -5.95
N PHE A 74 0.83 5.02 -5.68
CA PHE A 74 1.73 6.16 -5.74
C PHE A 74 2.39 6.43 -4.38
N GLY A 75 3.62 6.92 -4.43
CA GLY A 75 4.37 7.19 -3.21
C GLY A 75 4.79 5.93 -2.49
N ALA A 76 5.19 4.90 -3.24
CA ALA A 76 5.46 3.57 -2.73
C ALA A 76 6.90 3.37 -2.28
N GLY A 77 7.78 4.33 -2.53
CA GLY A 77 9.15 4.19 -2.10
C GLY A 77 9.34 4.64 -0.66
N SER A 78 10.44 4.22 -0.06
CA SER A 78 10.78 4.64 1.28
C SER A 78 12.21 5.14 1.28
N ASP A 79 12.59 5.84 2.35
CA ASP A 79 13.98 6.23 2.49
C ASP A 79 14.88 5.03 2.76
N LYS A 80 14.33 3.82 2.88
N LYS A 80 14.30 3.83 2.90
CA LYS A 80 15.13 2.61 2.97
CA LYS A 80 15.04 2.58 3.00
C LYS A 80 15.28 1.90 1.64
C LYS A 80 15.34 1.96 1.64
N GLY A 81 14.76 2.49 0.57
CA GLY A 81 14.91 1.90 -0.76
C GLY A 81 14.09 0.65 -1.02
N VAL A 82 13.10 0.35 -0.17
CA VAL A 82 12.20 -0.78 -0.36
C VAL A 82 10.76 -0.23 -0.34
N ALA A 83 9.78 -1.13 -0.51
CA ALA A 83 8.37 -0.73 -0.66
C ALA A 83 7.51 -1.54 0.30
N PRO A 84 7.49 -1.18 1.58
CA PRO A 84 6.68 -1.95 2.55
C PRO A 84 5.19 -1.92 2.24
N GLY A 85 4.66 -0.74 1.91
CA GLY A 85 3.25 -0.66 1.59
C GLY A 85 2.85 -1.53 0.41
N THR A 86 3.68 -1.51 -0.65
CA THR A 86 3.43 -2.41 -1.77
C THR A 86 3.40 -3.86 -1.33
N ALA A 87 4.32 -4.27 -0.46
CA ALA A 87 4.33 -5.65 0.01
C ALA A 87 3.04 -6.01 0.74
N VAL A 88 2.49 -5.09 1.53
CA VAL A 88 1.20 -5.35 2.19
C VAL A 88 0.08 -5.42 1.17
N LEU A 89 0.06 -4.49 0.20
CA LEU A 89 -0.98 -4.50 -0.82
C LEU A 89 -0.96 -5.80 -1.61
N ARG A 90 0.24 -6.30 -1.93
CA ARG A 90 0.31 -7.54 -2.68
C ARG A 90 -0.11 -8.73 -1.83
N GLN A 91 0.14 -8.67 -0.52
CA GLN A 91 -0.39 -9.68 0.39
C GLN A 91 -1.91 -9.65 0.44
N TRP A 92 -2.48 -8.44 0.44
CA TRP A 92 -3.90 -8.25 0.63
C TRP A 92 -4.71 -8.59 -0.62
N LEU A 93 -4.24 -8.15 -1.80
CA LEU A 93 -5.02 -8.25 -3.02
C LEU A 93 -5.07 -9.70 -3.55
N PRO A 94 -6.14 -10.08 -4.24
CA PRO A 94 -6.22 -11.46 -4.76
C PRO A 94 -5.02 -11.79 -5.64
N THR A 95 -4.55 -13.04 -5.54
CA THR A 95 -3.46 -13.49 -6.39
C THR A 95 -3.83 -13.27 -7.85
N GLY A 96 -2.88 -12.74 -8.62
CA GLY A 96 -3.15 -12.39 -9.99
C GLY A 96 -3.56 -10.95 -10.21
N THR A 97 -3.83 -10.19 -9.15
CA THR A 97 -4.09 -8.76 -9.28
C THR A 97 -2.87 -8.08 -9.88
N LEU A 98 -3.08 -7.25 -10.90
CA LEU A 98 -1.98 -6.46 -11.46
C LEU A 98 -1.75 -5.24 -10.58
N LEU A 99 -0.52 -5.12 -10.04
CA LEU A 99 -0.17 -4.06 -9.09
C LEU A 99 1.01 -3.27 -9.66
N VAL A 100 0.80 -1.98 -9.87
CA VAL A 100 1.82 -1.06 -10.35
C VAL A 100 2.11 -0.06 -9.25
N ASP A 101 3.40 0.23 -9.00
CA ASP A 101 3.69 1.27 -8.02
C ASP A 101 4.70 2.27 -8.59
N SER A 102 4.94 3.32 -7.81
CA SER A 102 5.64 4.48 -8.33
C SER A 102 6.12 5.36 -7.19
N ASP A 103 7.20 6.09 -7.46
CA ASP A 103 7.72 7.06 -6.50
C ASP A 103 8.72 7.95 -7.21
N LEU A 104 8.90 9.15 -6.65
CA LEU A 104 9.92 10.06 -7.14
C LEU A 104 11.31 9.44 -7.11
N ASN A 105 11.62 8.68 -6.06
CA ASN A 105 12.96 8.16 -5.83
C ASN A 105 13.00 6.65 -6.05
N ASP A 106 14.18 6.16 -6.45
CA ASP A 106 14.34 4.75 -6.81
C ASP A 106 14.12 3.85 -5.60
N PHE A 107 13.56 2.67 -5.83
CA PHE A 107 13.34 1.69 -4.76
C PHE A 107 13.13 0.32 -5.40
N VAL A 108 13.24 -0.72 -4.57
CA VAL A 108 13.04 -2.10 -5.01
C VAL A 108 11.66 -2.56 -4.53
N SER A 109 10.91 -3.22 -5.42
CA SER A 109 9.50 -3.44 -5.16
C SER A 109 9.07 -4.84 -5.57
N ASP A 110 7.99 -5.30 -4.92
CA ASP A 110 7.30 -6.53 -5.27
C ASP A 110 6.17 -6.32 -6.28
N ALA A 111 5.94 -5.09 -6.71
CA ALA A 111 4.89 -4.84 -7.68
C ALA A 111 5.21 -5.50 -9.03
N ASP A 112 4.16 -5.71 -9.83
CA ASP A 112 4.36 -6.23 -11.17
C ASP A 112 5.15 -5.27 -12.04
N SER A 113 4.99 -3.97 -11.84
CA SER A 113 5.82 -3.01 -12.56
C SER A 113 5.98 -1.76 -11.70
N THR A 114 7.13 -1.11 -11.81
CA THR A 114 7.46 0.06 -11.01
C THR A 114 7.92 1.20 -11.92
N LEU A 115 7.40 2.40 -11.70
CA LEU A 115 7.85 3.60 -12.44
C LEU A 115 8.51 4.55 -11.47
N ILE A 116 9.69 5.05 -11.84
CA ILE A 116 10.44 5.99 -10.99
C ILE A 116 10.41 7.36 -11.65
N GLY A 117 9.97 8.37 -10.91
CA GLY A 117 9.84 9.72 -11.42
C GLY A 117 8.73 10.45 -10.69
N ASP A 118 8.63 11.76 -10.95
CA ASP A 118 7.52 12.55 -10.41
C ASP A 118 6.22 11.95 -10.92
N CYS A 119 5.21 11.87 -10.07
CA CYS A 119 3.99 11.20 -10.54
C CYS A 119 3.40 11.90 -11.75
N ALA A 120 3.63 13.21 -11.89
CA ALA A 120 3.12 13.94 -13.03
C ALA A 120 3.64 13.38 -14.36
N THR A 121 4.76 12.65 -14.34
CA THR A 121 5.27 12.01 -15.55
C THR A 121 4.58 10.68 -15.88
N VAL A 122 3.73 10.16 -15.00
CA VAL A 122 3.16 8.82 -15.16
C VAL A 122 1.91 8.91 -16.01
N HIS A 123 1.83 8.07 -17.06
CA HIS A 123 0.63 7.94 -17.87
C HIS A 123 0.27 6.47 -18.00
N THR A 124 -1.02 6.18 -18.06
CA THR A 124 -1.48 4.82 -18.26
C THR A 124 -2.54 4.81 -19.35
N ALA A 125 -2.50 3.79 -20.20
CA ALA A 125 -3.52 3.66 -21.23
C ALA A 125 -4.83 3.17 -20.63
N ASN A 126 -4.76 2.27 -19.66
CA ASN A 126 -5.94 1.67 -19.06
C ASN A 126 -6.47 2.50 -17.89
N LYS A 127 -7.67 2.14 -17.43
CA LYS A 127 -8.22 2.65 -16.18
C LYS A 127 -7.94 1.65 -15.06
N TRP A 128 -8.17 2.09 -13.82
CA TRP A 128 -7.76 1.36 -12.64
C TRP A 128 -8.97 1.10 -11.73
N ASP A 129 -8.91 0.01 -10.96
CA ASP A 129 -9.99 -0.33 -10.04
C ASP A 129 -9.75 0.23 -8.64
N LEU A 130 -8.51 0.47 -8.26
CA LEU A 130 -8.16 0.96 -6.93
C LEU A 130 -6.90 1.81 -7.06
N ILE A 131 -6.92 3.02 -6.51
CA ILE A 131 -5.75 3.89 -6.47
C ILE A 131 -5.39 4.12 -5.02
N ILE A 132 -4.14 3.79 -4.66
CA ILE A 132 -3.59 4.06 -3.32
C ILE A 132 -2.49 5.09 -3.46
N SER A 133 -2.47 6.10 -2.57
CA SER A 133 -1.40 7.09 -2.59
C SER A 133 -0.92 7.34 -1.17
N ASP A 134 0.39 7.21 -0.98
CA ASP A 134 1.05 7.65 0.25
C ASP A 134 1.98 8.82 0.00
N MET A 135 1.82 9.51 -1.14
CA MET A 135 2.69 10.63 -1.45
C MET A 135 2.57 11.71 -0.39
N TYR A 136 3.71 12.32 -0.08
CA TYR A 136 3.82 13.23 1.05
C TYR A 136 5.12 14.01 0.91
N ASP A 137 5.06 15.32 1.10
CA ASP A 137 6.25 16.17 1.07
C ASP A 137 6.44 16.75 2.46
N PRO A 138 7.46 16.33 3.21
CA PRO A 138 7.58 16.78 4.60
C PRO A 138 7.75 18.28 4.75
N LYS A 139 8.05 19.01 3.67
CA LYS A 139 8.15 20.46 3.75
C LYS A 139 6.79 21.14 3.91
N THR A 140 5.68 20.44 3.73
CA THR A 140 4.38 21.07 3.99
C THR A 140 4.17 21.30 5.48
N LYS A 141 4.87 20.57 6.35
CA LYS A 141 4.79 20.76 7.80
C LYS A 141 5.57 22.01 8.21
N ASN A 142 5.03 23.15 7.83
CA ASN A 142 5.51 24.43 8.36
C ASN A 142 4.38 25.03 9.18
N VAL A 143 4.50 24.92 10.51
CA VAL A 143 3.49 25.44 11.41
C VAL A 143 3.44 26.97 11.46
N THR A 144 4.44 27.65 10.90
CA THR A 144 4.51 29.10 10.94
C THR A 144 3.82 29.79 9.77
N LYS A 145 3.23 29.04 8.85
CA LYS A 145 2.58 29.62 7.69
C LYS A 145 1.10 29.21 7.65
N GLU A 146 0.30 30.05 7.00
CA GLU A 146 -1.09 29.73 6.70
C GLU A 146 -1.22 28.36 6.07
N ASN A 147 -2.22 27.60 6.50
CA ASN A 147 -2.43 26.25 5.99
C ASN A 147 -3.45 26.30 4.84
N ASP A 148 -2.97 26.57 3.64
CA ASP A 148 -3.81 26.62 2.45
C ASP A 148 -3.82 25.26 1.75
N SER A 149 -4.79 25.10 0.85
CA SER A 149 -4.86 23.92 0.00
C SER A 149 -3.57 23.81 -0.83
N LYS A 150 -2.99 22.61 -0.87
CA LYS A 150 -1.71 22.35 -1.53
C LYS A 150 -1.93 21.83 -2.93
N GLU A 151 -1.07 22.22 -3.88
CA GLU A 151 -1.29 21.63 -5.19
C GLU A 151 -0.34 20.49 -5.48
N GLY A 152 0.84 20.76 -6.06
CA GLY A 152 1.79 19.71 -6.40
C GLY A 152 1.18 18.37 -6.83
N PHE A 153 1.57 17.26 -6.18
CA PHE A 153 1.05 15.96 -6.57
C PHE A 153 -0.46 15.83 -6.37
N PHE A 154 -1.09 16.68 -5.53
CA PHE A 154 -2.55 16.58 -5.40
C PHE A 154 -3.25 16.95 -6.69
N THR A 155 -2.73 17.93 -7.43
CA THR A 155 -3.34 18.27 -8.72
C THR A 155 -3.30 17.09 -9.67
N TYR A 156 -2.15 16.40 -9.71
CA TYR A 156 -2.06 15.19 -10.53
C TYR A 156 -3.09 14.15 -10.09
N ILE A 157 -3.17 13.89 -8.78
CA ILE A 157 -4.07 12.85 -8.27
C ILE A 157 -5.51 13.15 -8.66
N CYS A 158 -5.93 14.41 -8.53
CA CYS A 158 -7.31 14.76 -8.86
C CYS A 158 -7.62 14.46 -10.33
N GLY A 159 -6.73 14.88 -11.23
CA GLY A 159 -6.94 14.57 -12.65
C GLY A 159 -6.84 13.08 -12.94
N PHE A 160 -5.95 12.38 -12.24
CA PHE A 160 -5.80 10.95 -12.50
C PHE A 160 -7.05 10.19 -12.11
N ILE A 161 -7.67 10.57 -10.99
CA ILE A 161 -8.93 9.94 -10.58
C ILE A 161 -10.00 10.18 -11.64
N GLN A 162 -10.12 11.43 -12.09
CA GLN A 162 -11.18 11.79 -13.03
C GLN A 162 -10.98 11.15 -14.39
N GLN A 163 -9.72 10.94 -14.82
CA GLN A 163 -9.44 10.39 -16.14
C GLN A 163 -9.21 8.88 -16.15
N LYS A 164 -8.69 8.30 -15.07
CA LYS A 164 -8.21 6.92 -15.11
C LYS A 164 -8.76 6.02 -14.01
N LEU A 165 -9.71 6.47 -13.20
CA LEU A 165 -10.37 5.57 -12.25
C LEU A 165 -11.65 5.04 -12.90
N ALA A 166 -11.75 3.72 -12.96
CA ALA A 166 -12.98 3.08 -13.45
C ALA A 166 -14.16 3.47 -12.58
N LEU A 167 -15.32 3.64 -13.20
CA LEU A 167 -16.55 3.76 -12.43
C LEU A 167 -16.70 2.53 -11.56
N GLY A 168 -17.12 2.74 -10.31
CA GLY A 168 -17.14 1.68 -9.33
C GLY A 168 -15.86 1.51 -8.55
N GLY A 169 -14.76 2.07 -9.02
CA GLY A 169 -13.49 1.94 -8.34
C GLY A 169 -13.41 2.80 -7.07
N SER A 170 -12.31 2.63 -6.33
CA SER A 170 -12.14 3.31 -5.05
C SER A 170 -10.72 3.85 -4.92
N VAL A 171 -10.54 4.76 -3.96
CA VAL A 171 -9.24 5.38 -3.73
C VAL A 171 -8.98 5.50 -2.22
N ALA A 172 -7.71 5.53 -1.85
CA ALA A 172 -7.26 5.87 -0.51
C ALA A 172 -6.05 6.77 -0.67
N ILE A 173 -6.18 8.05 -0.32
CA ILE A 173 -5.15 9.06 -0.59
C ILE A 173 -4.72 9.64 0.75
N LYS A 174 -3.42 9.54 1.05
CA LYS A 174 -2.96 10.04 2.34
C LYS A 174 -2.96 11.56 2.38
N ILE A 175 -3.45 12.11 3.49
CA ILE A 175 -3.43 13.53 3.80
C ILE A 175 -2.88 13.69 5.22
N THR A 176 -2.56 14.92 5.58
CA THR A 176 -2.20 15.29 6.95
C THR A 176 -2.83 16.65 7.22
N GLU A 177 -2.56 17.21 8.41
CA GLU A 177 -3.04 18.56 8.69
C GLU A 177 -2.64 19.54 7.59
N HIS A 178 -1.38 19.48 7.18
CA HIS A 178 -0.83 20.41 6.20
C HIS A 178 -0.78 19.87 4.77
N SER A 179 -0.84 18.55 4.56
CA SER A 179 -0.74 18.01 3.22
C SER A 179 -2.15 17.58 2.81
N TRP A 180 -2.85 18.47 2.13
CA TRP A 180 -4.25 18.27 1.77
C TRP A 180 -4.58 19.16 0.59
N ASN A 181 -5.75 18.95 0.01
CA ASN A 181 -6.16 19.66 -1.19
C ASN A 181 -7.68 19.74 -1.23
N ALA A 182 -8.21 20.92 -1.52
CA ALA A 182 -9.66 21.13 -1.44
C ALA A 182 -10.39 20.41 -2.56
N ASP A 183 -9.82 20.41 -3.78
CA ASP A 183 -10.47 19.69 -4.88
C ASP A 183 -10.56 18.20 -4.61
N LEU A 184 -9.60 17.64 -3.88
CA LEU A 184 -9.66 16.21 -3.59
C LEU A 184 -10.83 15.88 -2.67
N TYR A 185 -11.05 16.71 -1.64
CA TYR A 185 -12.26 16.57 -0.83
C TYR A 185 -13.52 16.76 -1.67
N LYS A 186 -13.52 17.77 -2.54
CA LYS A 186 -14.67 17.93 -3.44
C LYS A 186 -14.90 16.66 -4.26
N LEU A 187 -13.82 16.03 -4.75
CA LEU A 187 -13.95 14.79 -5.51
C LEU A 187 -14.54 13.65 -4.70
N MET A 188 -14.35 13.64 -3.38
CA MET A 188 -14.99 12.61 -2.55
C MET A 188 -16.50 12.61 -2.74
N GLY A 189 -17.09 13.75 -3.04
CA GLY A 189 -18.52 13.77 -3.32
C GLY A 189 -18.92 13.14 -4.63
N HIS A 190 -17.95 12.64 -5.41
CA HIS A 190 -18.18 11.93 -6.66
C HIS A 190 -18.16 10.43 -6.49
N PHE A 191 -18.08 9.95 -5.25
CA PHE A 191 -18.19 8.55 -4.91
C PHE A 191 -19.51 8.31 -4.18
N ALA A 192 -19.91 7.03 -4.13
CA ALA A 192 -21.12 6.66 -3.40
C ALA A 192 -20.98 6.93 -1.89
N TRP A 193 -19.75 6.88 -1.37
CA TRP A 193 -19.48 7.08 0.05
C TRP A 193 -18.02 7.48 0.18
N TRP A 194 -17.70 8.19 1.26
CA TRP A 194 -16.32 8.62 1.50
C TRP A 194 -16.10 8.77 3.00
N THR A 195 -14.83 8.72 3.40
CA THR A 195 -14.47 9.03 4.78
C THR A 195 -13.02 9.45 4.84
N ALA A 196 -12.60 9.89 6.04
CA ALA A 196 -11.19 10.08 6.37
C ALA A 196 -10.86 9.07 7.46
N PHE A 197 -9.94 8.17 7.19
CA PHE A 197 -9.64 7.04 8.07
C PHE A 197 -8.27 7.22 8.72
N VAL A 198 -8.24 7.08 10.04
CA VAL A 198 -7.02 7.20 10.83
C VAL A 198 -6.63 5.80 11.32
N THR A 199 -5.41 5.35 11.01
CA THR A 199 -4.99 4.05 11.52
C THR A 199 -4.71 4.15 13.01
N ASN A 200 -5.06 3.09 13.75
CA ASN A 200 -4.81 3.10 15.19
C ASN A 200 -3.32 3.08 15.52
N VAL A 201 -2.47 2.53 14.64
CA VAL A 201 -1.03 2.53 14.96
C VAL A 201 -0.44 3.92 14.82
N ASN A 202 -1.02 4.80 13.99
CA ASN A 202 -0.45 6.12 13.76
C ASN A 202 -1.39 7.23 14.25
N ALA A 203 -2.23 6.93 15.24
CA ALA A 203 -3.27 7.85 15.68
C ALA A 203 -2.71 9.11 16.34
N SER A 204 -1.43 9.13 16.69
CA SER A 204 -0.82 10.34 17.24
C SER A 204 -0.44 11.34 16.15
N SER A 205 -0.65 11.01 14.89
CA SER A 205 -0.34 11.89 13.78
C SER A 205 -1.63 12.44 13.17
N SER A 206 -1.54 13.63 12.58
CA SER A 206 -2.71 14.16 11.88
C SER A 206 -2.95 13.48 10.54
N GLU A 207 -2.11 12.53 10.14
CA GLU A 207 -2.38 11.87 8.86
C GLU A 207 -3.72 11.13 8.91
N ALA A 208 -4.35 11.03 7.75
CA ALA A 208 -5.49 10.15 7.54
C ALA A 208 -5.43 9.70 6.09
N PHE A 209 -6.17 8.66 5.78
CA PHE A 209 -6.43 8.31 4.38
C PHE A 209 -7.82 8.78 3.99
N LEU A 210 -7.88 9.65 2.99
CA LEU A 210 -9.13 10.02 2.37
C LEU A 210 -9.57 8.92 1.43
N ILE A 211 -10.69 8.27 1.76
CA ILE A 211 -11.15 7.08 1.04
C ILE A 211 -12.41 7.43 0.27
N GLY A 212 -12.37 7.24 -1.04
CA GLY A 212 -13.56 7.37 -1.86
C GLY A 212 -13.98 5.99 -2.26
N CYS A 213 -15.22 5.59 -1.97
CA CYS A 213 -15.67 4.22 -2.15
C CYS A 213 -16.74 4.18 -3.25
N ASN A 214 -16.45 3.47 -4.35
CA ASN A 214 -17.33 3.34 -5.53
C ASN A 214 -17.56 4.63 -6.32
N TYR A 215 -16.59 4.95 -7.19
CA TYR A 215 -16.62 6.14 -8.03
C TYR A 215 -17.83 6.18 -8.98
N LEU A 216 -18.49 7.34 -9.03
CA LEU A 216 -19.68 7.52 -9.86
C LEU A 216 -19.45 8.44 -11.04
N GLY A 217 -18.30 9.12 -11.12
CA GLY A 217 -17.99 9.97 -12.25
C GLY A 217 -18.80 11.24 -12.38
N LYS A 218 -19.60 11.57 -11.36
CA LYS A 218 -20.43 12.76 -11.34
C LYS A 218 -20.56 13.18 -9.88
N PRO A 219 -20.83 14.45 -9.61
CA PRO A 219 -21.07 14.85 -8.21
C PRO A 219 -22.36 14.24 -7.69
N ARG A 220 -22.23 13.40 -6.67
CA ARG A 220 -23.42 12.95 -5.94
C ARG A 220 -23.79 13.97 -4.86
N GLU A 221 -22.79 14.59 -4.25
CA GLU A 221 -23.00 15.67 -3.30
C GLU A 221 -21.93 16.72 -3.53
N GLN A 222 -22.28 17.96 -3.23
CA GLN A 222 -21.38 19.09 -3.38
C GLN A 222 -20.66 19.32 -2.06
N ILE A 223 -19.33 19.18 -2.08
CA ILE A 223 -18.51 19.30 -0.88
C ILE A 223 -17.59 20.49 -1.06
N ASP A 224 -17.57 21.39 -0.09
CA ASP A 224 -16.59 22.46 -0.03
C ASP A 224 -15.34 21.92 0.66
N GLY A 225 -14.24 21.83 -0.09
CA GLY A 225 -13.05 21.17 0.42
C GLY A 225 -12.35 21.91 1.54
N TYR A 226 -12.42 23.25 1.54
CA TYR A 226 -11.83 24.00 2.65
C TYR A 226 -12.61 23.77 3.93
N VAL A 227 -13.94 23.76 3.84
CA VAL A 227 -14.77 23.46 5.01
C VAL A 227 -14.53 22.02 5.48
N MET A 228 -14.47 21.06 4.54
CA MET A 228 -14.37 19.67 4.98
C MET A 228 -13.03 19.39 5.66
N HIS A 229 -11.95 20.00 5.19
CA HIS A 229 -10.69 19.78 5.89
C HIS A 229 -10.72 20.40 7.27
N ALA A 230 -11.38 21.55 7.41
CA ALA A 230 -11.57 22.14 8.73
C ALA A 230 -12.38 21.22 9.63
N ASN A 231 -13.43 20.59 9.06
CA ASN A 231 -14.22 19.63 9.81
C ASN A 231 -13.37 18.44 10.25
N TYR A 232 -12.52 17.95 9.35
CA TYR A 232 -11.63 16.84 9.69
C TYR A 232 -10.71 17.21 10.86
N ILE A 233 -10.11 18.40 10.80
CA ILE A 233 -9.22 18.83 11.89
C ILE A 233 -10.01 18.99 13.19
N PHE A 234 -11.21 19.54 13.11
CA PHE A 234 -12.03 19.68 14.31
C PHE A 234 -12.31 18.33 14.94
N TRP A 235 -12.69 17.34 14.12
CA TRP A 235 -12.86 15.98 14.62
C TRP A 235 -11.60 15.48 15.32
N ARG A 236 -10.45 15.57 14.64
CA ARG A 236 -9.19 15.11 15.24
C ARG A 236 -8.88 15.87 16.53
N ASN A 237 -9.12 17.18 16.55
CA ASN A 237 -8.78 17.98 17.73
C ASN A 237 -9.62 17.62 18.95
N THR A 238 -10.85 17.15 18.76
CA THR A 238 -11.76 16.92 19.87
C THR A 238 -12.00 15.44 20.15
N ASN A 239 -11.34 14.54 19.42
CA ASN A 239 -11.56 13.10 19.56
C ASN A 239 -10.22 12.39 19.62
N PRO A 240 -9.55 12.41 20.76
CA PRO A 240 -8.29 11.66 20.89
C PRO A 240 -8.50 10.20 20.57
N ILE A 241 -7.59 9.63 19.80
CA ILE A 241 -7.66 8.22 19.42
C ILE A 241 -6.55 7.50 20.14
N GLN A 242 -6.91 6.45 20.89
CA GLN A 242 -5.95 5.66 21.64
C GLN A 242 -5.08 4.87 20.67
N LEU A 243 -3.76 5.07 20.75
CA LEU A 243 -2.85 4.29 19.92
C LEU A 243 -3.04 2.80 20.17
N SER A 244 -3.06 2.01 19.10
CA SER A 244 -3.35 0.60 19.27
C SER A 244 -2.75 -0.23 18.14
N SER A 245 -2.09 -1.33 18.51
CA SER A 245 -1.58 -2.32 17.59
C SER A 245 -2.43 -3.59 17.57
N TYR A 246 -3.53 -3.61 18.33
CA TYR A 246 -4.26 -4.87 18.59
C TYR A 246 -4.62 -5.61 17.31
N SER A 247 -5.18 -4.89 16.31
CA SER A 247 -5.70 -5.59 15.14
C SER A 247 -4.58 -6.25 14.34
N LEU A 248 -3.34 -5.87 14.56
CA LEU A 248 -2.24 -6.50 13.82
C LEU A 248 -2.07 -7.96 14.16
N PHE A 249 -2.51 -8.39 15.34
CA PHE A 249 -2.29 -9.76 15.77
C PHE A 249 -3.36 -10.74 15.27
N ASP A 250 -4.40 -10.28 14.58
CA ASP A 250 -5.39 -11.18 14.00
C ASP A 250 -5.44 -10.95 12.49
N MET A 251 -4.75 -11.82 11.77
CA MET A 251 -4.64 -11.73 10.33
C MET A 251 -5.42 -12.83 9.61
N SER A 252 -6.28 -13.56 10.33
CA SER A 252 -6.94 -14.72 9.74
C SER A 252 -7.90 -14.35 8.62
N LYS A 253 -8.50 -13.17 8.69
CA LYS A 253 -9.42 -12.73 7.66
C LYS A 253 -8.90 -11.53 6.89
N PHE A 254 -7.57 -11.43 6.77
CA PHE A 254 -6.96 -10.28 6.08
C PHE A 254 -7.20 -10.25 4.58
N PRO A 255 -7.04 -11.33 3.81
CA PRO A 255 -7.07 -11.20 2.35
C PRO A 255 -8.38 -10.60 1.84
N LEU A 256 -8.27 -9.71 0.87
CA LEU A 256 -9.44 -9.14 0.22
C LEU A 256 -10.23 -10.24 -0.48
N LYS A 257 -11.54 -10.29 -0.23
CA LYS A 257 -12.36 -11.34 -0.82
C LYS A 257 -12.49 -11.15 -2.33
N LEU A 258 -12.21 -12.19 -3.10
CA LEU A 258 -12.37 -12.12 -4.55
C LEU A 258 -13.86 -12.19 -4.85
N ARG A 259 -14.46 -11.05 -5.16
CA ARG A 259 -15.89 -10.97 -5.41
C ARG A 259 -16.24 -11.27 -6.86
N GLY A 260 -15.26 -11.31 -7.76
CA GLY A 260 -15.53 -11.51 -9.18
C GLY A 260 -16.47 -10.47 -9.74
N THR A 261 -16.37 -9.22 -9.27
CA THR A 261 -17.27 -8.14 -9.68
C THR A 261 -17.28 -7.99 -11.20
N ALA A 262 -18.48 -7.84 -11.75
CA ALA A 262 -18.64 -7.70 -13.20
C ALA A 262 -17.96 -6.43 -13.70
N VAL A 263 -17.34 -6.55 -14.88
CA VAL A 263 -16.72 -5.44 -15.59
C VAL A 263 -17.43 -5.29 -16.93
N MET A 264 -17.93 -4.08 -17.20
CA MET A 264 -18.62 -3.78 -18.45
C MET A 264 -18.04 -2.54 -19.08
N SER A 265 -17.95 -2.55 -20.41
CA SER A 265 -17.71 -1.34 -21.17
C SER A 265 -19.05 -0.67 -21.44
N LEU A 266 -19.18 0.60 -21.07
CA LEU A 266 -20.41 1.34 -21.32
C LEU A 266 -20.07 2.77 -21.72
N LYS A 267 -20.85 3.32 -22.63
CA LYS A 267 -20.69 4.71 -23.05
C LYS A 267 -21.51 5.59 -22.12
N GLU A 268 -21.08 6.85 -21.98
CA GLU A 268 -21.62 7.69 -20.92
C GLU A 268 -23.13 7.86 -21.04
N GLY A 269 -23.67 7.84 -22.26
CA GLY A 269 -25.10 7.96 -22.41
C GLY A 269 -25.89 6.77 -21.87
N GLN A 270 -25.23 5.69 -21.48
CA GLN A 270 -25.90 4.49 -20.99
C GLN A 270 -25.81 4.30 -19.49
N ILE A 271 -25.14 5.21 -18.76
CA ILE A 271 -25.06 5.09 -17.32
C ILE A 271 -26.36 5.64 -16.73
N ASN A 272 -27.34 4.76 -16.52
CA ASN A 272 -28.63 5.14 -15.98
C ASN A 272 -28.66 4.96 -14.46
N ASP A 273 -29.77 5.34 -13.84
CA ASP A 273 -29.89 5.22 -12.38
C ASP A 273 -29.76 3.78 -11.93
N MET A 274 -30.15 2.82 -12.77
CA MET A 274 -29.98 1.42 -12.43
C MET A 274 -28.50 1.05 -12.40
N ILE A 275 -27.72 1.56 -13.36
CA ILE A 275 -26.28 1.31 -13.35
C ILE A 275 -25.62 2.03 -12.17
N LEU A 276 -26.01 3.27 -11.93
CA LEU A 276 -25.47 4.02 -10.80
C LEU A 276 -25.70 3.30 -9.48
N SER A 277 -26.83 2.57 -9.35
CA SER A 277 -27.08 1.85 -8.12
C SER A 277 -26.16 0.66 -7.98
N LEU A 278 -25.93 -0.07 -9.08
CA LEU A 278 -25.00 -1.20 -9.04
C LEU A 278 -23.59 -0.72 -8.70
N LEU A 279 -23.16 0.38 -9.31
CA LEU A 279 -21.87 0.98 -8.99
C LEU A 279 -21.79 1.31 -7.51
N SER A 280 -22.86 1.93 -6.98
CA SER A 280 -22.89 2.40 -5.60
C SER A 280 -22.81 1.27 -4.60
N LYS A 281 -23.17 0.05 -5.00
CA LYS A 281 -23.19 -1.12 -4.13
C LYS A 281 -21.93 -1.96 -4.26
N GLY A 282 -20.95 -1.52 -5.04
CA GLY A 282 -19.76 -2.32 -5.22
C GLY A 282 -19.98 -3.54 -6.08
N ARG A 283 -20.98 -3.50 -6.97
CA ARG A 283 -21.36 -4.66 -7.77
C ARG A 283 -20.98 -4.53 -9.23
N LEU A 284 -20.31 -3.44 -9.62
CA LEU A 284 -20.04 -3.19 -11.03
C LEU A 284 -18.80 -2.31 -11.20
N ILE A 285 -17.97 -2.67 -12.19
CA ILE A 285 -16.86 -1.85 -12.67
C ILE A 285 -17.11 -1.54 -14.14
N ILE A 286 -16.93 -0.28 -14.52
CA ILE A 286 -17.10 0.13 -15.91
C ILE A 286 -15.76 0.59 -16.44
N ARG A 287 -15.19 -0.19 -17.35
CA ARG A 287 -13.96 0.14 -18.06
C ARG A 287 -13.77 -0.89 -19.16
N GLU A 288 -12.82 -0.63 -20.05
CA GLU A 288 -12.40 -1.67 -20.98
C GLU A 288 -11.57 -2.71 -20.25
N ASN A 289 -11.39 -3.87 -20.88
CA ASN A 289 -10.58 -4.92 -20.30
C ASN A 289 -9.43 -5.32 -21.22
N ASN A 290 -8.81 -4.32 -21.84
CA ASN A 290 -7.66 -4.53 -22.72
C ASN A 290 -6.38 -4.66 -21.88
N ARG A 291 -5.24 -4.61 -22.56
CA ARG A 291 -3.95 -4.76 -21.90
C ARG A 291 -3.63 -3.53 -21.05
N VAL A 292 -2.90 -3.76 -19.96
CA VAL A 292 -2.47 -2.68 -19.07
C VAL A 292 -1.12 -2.17 -19.55
N VAL A 293 -1.07 -0.89 -19.91
CA VAL A 293 0.11 -0.26 -20.50
C VAL A 293 0.37 1.06 -19.79
N ILE A 294 1.60 1.24 -19.30
CA ILE A 294 1.99 2.39 -18.50
C ILE A 294 3.30 2.96 -19.04
N SER A 295 3.57 4.22 -18.68
CA SER A 295 4.84 4.82 -19.06
C SER A 295 5.14 6.01 -18.17
N SER A 296 6.41 6.39 -18.16
CA SER A 296 6.85 7.60 -17.47
C SER A 296 7.55 8.50 -18.49
N ASP A 297 7.10 9.75 -18.61
CA ASP A 297 7.76 10.71 -19.48
C ASP A 297 9.16 11.01 -18.93
N VAL A 298 10.14 11.07 -19.84
CA VAL A 298 11.51 11.39 -19.48
C VAL A 298 11.88 12.70 -20.16
N LEU A 299 12.28 13.68 -19.36
CA LEU A 299 12.76 14.96 -19.89
C LEU A 299 14.21 14.80 -20.30
N VAL A 300 14.53 15.11 -21.56
CA VAL A 300 15.88 14.97 -22.08
C VAL A 300 16.52 16.36 -22.09
N ASN A 301 17.65 16.49 -21.39
CA ASN A 301 18.42 17.74 -21.34
C ASN A 301 19.91 17.41 -21.46
N ASN A 302 20.74 18.44 -21.43
CA ASN A 302 22.18 18.27 -21.54
C ASN A 302 22.78 17.78 -20.22
N ALA B 21 35.41 -12.29 -19.51
CA ALA B 21 35.38 -13.32 -18.48
C ALA B 21 35.11 -12.73 -17.08
N PHE B 22 35.31 -11.42 -16.92
CA PHE B 22 35.10 -10.78 -15.63
C PHE B 22 33.62 -10.64 -15.32
N ALA B 23 33.24 -11.02 -14.09
CA ALA B 23 31.91 -10.80 -13.57
C ALA B 23 32.01 -10.47 -12.10
N VAL B 24 31.30 -9.43 -11.66
CA VAL B 24 31.20 -9.15 -10.24
C VAL B 24 30.51 -10.32 -9.56
N ASP B 25 31.09 -10.78 -8.44
CA ASP B 25 30.51 -11.90 -7.69
C ASP B 25 30.04 -11.37 -6.35
N ALA B 26 28.83 -10.81 -6.34
CA ALA B 26 28.32 -10.16 -5.13
C ALA B 26 27.97 -11.18 -4.05
N ALA B 27 27.47 -12.35 -4.45
CA ALA B 27 27.14 -13.39 -3.47
C ALA B 27 28.38 -13.74 -2.64
N LYS B 28 29.48 -14.05 -3.32
CA LYS B 28 30.72 -14.34 -2.62
C LYS B 28 31.17 -13.16 -1.76
N ALA B 29 31.04 -11.93 -2.28
CA ALA B 29 31.47 -10.76 -1.52
C ALA B 29 30.63 -10.58 -0.25
N TYR B 30 29.33 -10.85 -0.34
CA TYR B 30 28.48 -10.69 0.84
C TYR B 30 28.79 -11.78 1.87
N LYS B 31 28.91 -13.03 1.42
CA LYS B 31 29.32 -14.10 2.33
C LYS B 31 30.64 -13.78 3.02
N ASP B 32 31.59 -13.19 2.29
CA ASP B 32 32.88 -12.86 2.90
C ASP B 32 32.75 -11.70 3.88
N TYR B 33 31.93 -10.69 3.53
CA TYR B 33 31.70 -9.60 4.47
C TYR B 33 30.97 -10.09 5.71
N LEU B 34 30.07 -11.06 5.56
CA LEU B 34 29.42 -11.64 6.72
C LEU B 34 30.43 -12.36 7.60
N ALA B 35 31.29 -13.18 6.98
CA ALA B 35 32.27 -13.96 7.74
C ALA B 35 33.26 -13.06 8.46
N SER B 36 33.59 -11.89 7.90
CA SER B 36 34.46 -10.93 8.56
C SER B 36 33.74 -10.14 9.66
N GLY B 37 32.49 -10.46 9.96
CA GLY B 37 31.78 -9.78 11.02
C GLY B 37 31.01 -8.53 10.62
N GLY B 38 30.67 -8.38 9.34
CA GLY B 38 29.87 -7.23 8.92
C GLY B 38 28.40 -7.39 9.28
N GLN B 39 27.74 -6.26 9.51
CA GLN B 39 26.32 -6.29 9.88
C GLN B 39 25.48 -6.72 8.68
N PRO B 40 24.53 -7.65 8.85
CA PRO B 40 23.71 -8.08 7.71
C PRO B 40 22.89 -6.93 7.13
N ILE B 41 22.50 -7.11 5.86
CA ILE B 41 21.62 -6.16 5.20
C ILE B 41 20.34 -5.99 6.02
N THR B 42 19.93 -4.74 6.25
CA THR B 42 18.77 -4.42 7.07
C THR B 42 17.56 -4.07 6.20
N ASN B 43 16.45 -3.75 6.88
CA ASN B 43 15.22 -3.23 6.27
C ASN B 43 14.57 -4.22 5.30
N CYS B 44 14.85 -5.51 5.46
CA CYS B 44 13.99 -6.51 4.84
C CYS B 44 12.58 -6.34 5.39
N VAL B 45 11.57 -6.51 4.52
CA VAL B 45 10.19 -6.11 4.85
C VAL B 45 9.49 -7.31 5.45
N LYS B 46 9.33 -7.33 6.78
CA LYS B 46 8.66 -8.42 7.47
C LYS B 46 7.15 -8.21 7.47
N MET B 47 6.41 -9.26 7.14
CA MET B 47 4.96 -9.14 7.01
C MET B 47 4.29 -9.56 8.30
N LEU B 48 3.13 -8.95 8.58
CA LEU B 48 2.22 -9.51 9.55
C LEU B 48 1.50 -10.72 8.94
N CYS B 49 1.41 -11.81 9.70
CA CYS B 49 0.71 -13.00 9.23
C CYS B 49 0.31 -13.85 10.43
N THR B 50 -0.44 -14.92 10.15
CA THR B 50 -0.95 -15.78 11.21
C THR B 50 0.12 -16.66 11.82
N HIS B 51 1.18 -16.96 11.06
CA HIS B 51 2.18 -17.95 11.46
C HIS B 51 1.57 -19.35 11.64
N THR B 52 0.53 -19.65 10.86
CA THR B 52 -0.05 -20.99 10.76
C THR B 52 -0.04 -21.47 9.32
N GLY B 53 0.99 -21.08 8.54
CA GLY B 53 1.03 -21.37 7.13
C GLY B 53 1.78 -22.66 6.83
N THR B 54 1.89 -22.96 5.52
CA THR B 54 2.48 -24.22 5.09
C THR B 54 3.96 -24.32 5.43
N GLY B 55 4.63 -23.20 5.66
CA GLY B 55 6.06 -23.23 5.93
C GLY B 55 6.94 -23.43 4.70
N GLN B 56 6.38 -23.47 3.50
CA GLN B 56 7.20 -23.57 2.30
C GLN B 56 8.02 -22.28 2.10
N ALA B 57 9.09 -22.40 1.32
CA ALA B 57 10.17 -21.41 1.34
C ALA B 57 9.79 -20.10 0.64
N ILE B 58 9.23 -20.20 -0.57
CA ILE B 58 8.93 -19.04 -1.40
C ILE B 58 7.52 -19.24 -1.94
N THR B 59 6.60 -18.33 -1.58
CA THR B 59 5.19 -18.56 -1.81
C THR B 59 4.53 -17.28 -2.32
N VAL B 60 3.30 -17.41 -2.84
CA VAL B 60 2.64 -16.25 -3.42
C VAL B 60 2.02 -15.33 -2.38
N THR B 61 1.75 -15.82 -1.17
CA THR B 61 1.33 -15.03 -0.03
C THR B 61 2.13 -15.51 1.17
N PRO B 62 2.18 -14.73 2.26
CA PRO B 62 2.95 -15.18 3.43
C PRO B 62 2.49 -16.55 3.93
N GLU B 63 3.46 -17.42 4.20
CA GLU B 63 3.17 -18.79 4.60
C GLU B 63 4.00 -19.21 5.81
N ALA B 64 4.50 -18.26 6.59
CA ALA B 64 5.27 -18.62 7.77
C ALA B 64 4.49 -19.55 8.67
N ASN B 65 5.18 -20.57 9.20
CA ASN B 65 4.63 -21.37 10.27
C ASN B 65 5.07 -20.75 11.60
N MET B 66 4.90 -21.50 12.70
CA MET B 66 5.23 -20.98 14.02
C MET B 66 6.72 -20.74 14.19
N ASP B 67 7.55 -21.36 13.35
CA ASP B 67 9.01 -21.27 13.48
C ASP B 67 9.64 -20.31 12.46
N GLN B 68 8.84 -19.49 11.78
CA GLN B 68 9.33 -18.70 10.66
C GLN B 68 8.75 -17.28 10.71
N GLU B 69 9.45 -16.38 10.04
CA GLU B 69 8.95 -15.06 9.67
C GLU B 69 8.80 -15.01 8.15
N SER B 70 7.78 -14.29 7.69
CA SER B 70 7.56 -14.06 6.26
C SER B 70 8.02 -12.65 5.89
N PHE B 71 8.69 -12.54 4.74
CA PHE B 71 9.20 -11.26 4.26
C PHE B 71 8.80 -11.01 2.82
N GLY B 72 8.62 -9.73 2.46
CA GLY B 72 8.48 -9.38 1.06
C GLY B 72 9.71 -9.84 0.29
N GLY B 73 9.51 -10.51 -0.85
CA GLY B 73 10.62 -11.21 -1.49
C GLY B 73 11.69 -10.29 -2.01
N ALA B 74 11.30 -9.20 -2.70
CA ALA B 74 12.29 -8.31 -3.31
C ALA B 74 13.27 -7.77 -2.28
N SER B 75 12.79 -7.40 -1.09
CA SER B 75 13.65 -6.83 -0.06
C SER B 75 14.64 -7.83 0.52
N CYS B 76 14.48 -9.12 0.23
CA CYS B 76 15.38 -10.17 0.70
C CYS B 76 16.32 -10.68 -0.38
N CYS B 77 16.30 -10.09 -1.56
CA CYS B 77 17.10 -10.55 -2.69
C CYS B 77 18.35 -9.71 -2.78
N LEU B 78 19.53 -10.35 -2.72
CA LEU B 78 20.79 -9.61 -2.78
C LEU B 78 20.88 -8.77 -4.04
N TYR B 79 20.46 -9.32 -5.17
CA TYR B 79 20.61 -8.61 -6.44
C TYR B 79 19.65 -7.43 -6.53
N CYS B 80 18.40 -7.63 -6.10
CA CYS B 80 17.46 -6.50 -6.02
C CYS B 80 18.02 -5.40 -5.12
N ARG B 81 18.49 -5.77 -3.92
CA ARG B 81 18.87 -4.77 -2.93
C ARG B 81 20.13 -4.01 -3.34
N CYS B 82 21.08 -4.69 -3.96
CA CYS B 82 22.33 -4.06 -4.37
C CYS B 82 22.25 -3.38 -5.73
N HIS B 83 21.12 -3.52 -6.43
CA HIS B 83 20.93 -2.92 -7.76
C HIS B 83 21.94 -3.49 -8.76
N ILE B 84 21.98 -4.81 -8.88
CA ILE B 84 22.89 -5.48 -9.79
C ILE B 84 22.12 -6.58 -10.52
N ASP B 85 22.72 -7.09 -11.59
CA ASP B 85 22.02 -8.05 -12.44
C ASP B 85 21.81 -9.36 -11.70
N HIS B 86 20.72 -10.03 -12.02
CA HIS B 86 20.51 -11.33 -11.43
C HIS B 86 21.32 -12.37 -12.20
N PRO B 87 21.97 -13.29 -11.51
CA PRO B 87 22.92 -14.24 -12.12
C PRO B 87 22.24 -15.42 -12.79
N ASN B 88 21.61 -15.14 -13.93
CA ASN B 88 21.10 -16.17 -14.82
C ASN B 88 20.92 -15.55 -16.20
N PRO B 89 20.87 -16.36 -17.26
CA PRO B 89 20.81 -15.78 -18.62
C PRO B 89 19.70 -14.76 -18.79
N LYS B 90 18.53 -15.03 -18.20
CA LYS B 90 17.34 -14.22 -18.45
C LYS B 90 17.19 -13.04 -17.48
N GLY B 91 18.07 -12.93 -16.48
CA GLY B 91 17.95 -11.86 -15.51
C GLY B 91 16.78 -11.98 -14.57
N PHE B 92 16.14 -13.14 -14.48
CA PHE B 92 14.91 -13.30 -13.71
C PHE B 92 15.19 -13.40 -12.21
N CYS B 93 14.25 -12.91 -11.41
CA CYS B 93 14.31 -12.97 -9.95
C CYS B 93 13.15 -13.82 -9.45
N ASP B 94 13.45 -14.85 -8.67
CA ASP B 94 12.40 -15.72 -8.17
C ASP B 94 11.96 -15.37 -6.76
N LEU B 95 12.41 -14.23 -6.23
CA LEU B 95 11.91 -13.71 -4.96
C LEU B 95 10.96 -12.53 -5.13
N LYS B 96 11.27 -11.65 -6.07
CA LYS B 96 10.48 -10.44 -6.25
C LYS B 96 9.03 -10.77 -6.58
N GLY B 97 8.10 -10.11 -5.89
CA GLY B 97 6.70 -10.36 -6.09
C GLY B 97 6.13 -11.52 -5.32
N LYS B 98 6.97 -12.21 -4.55
CA LYS B 98 6.59 -13.34 -3.72
C LYS B 98 6.98 -13.04 -2.28
N TYR B 99 6.76 -14.01 -1.39
CA TYR B 99 7.12 -13.90 0.01
C TYR B 99 8.05 -15.04 0.37
N VAL B 100 9.08 -14.74 1.14
CA VAL B 100 10.06 -15.75 1.53
C VAL B 100 9.93 -16.00 3.02
N GLN B 101 9.83 -17.28 3.39
CA GLN B 101 9.77 -17.69 4.78
C GLN B 101 11.18 -17.94 5.29
N ILE B 102 11.53 -17.29 6.38
CA ILE B 102 12.87 -17.39 6.97
C ILE B 102 12.71 -17.95 8.36
N PRO B 103 13.43 -19.03 8.71
CA PRO B 103 13.44 -19.49 10.09
C PRO B 103 13.68 -18.33 11.05
N THR B 104 12.90 -18.30 12.13
CA THR B 104 13.01 -17.18 13.07
C THR B 104 14.42 -17.03 13.61
N THR B 105 15.14 -18.14 13.82
CA THR B 105 16.52 -18.03 14.30
C THR B 105 17.45 -17.40 13.28
N CYS B 106 17.05 -17.31 12.01
CA CYS B 106 17.90 -16.77 10.95
C CYS B 106 17.38 -15.43 10.43
N ALA B 107 16.34 -14.88 11.05
CA ALA B 107 15.64 -13.72 10.49
C ALA B 107 16.39 -12.42 10.67
N ASN B 108 17.49 -12.42 11.43
CA ASN B 108 18.34 -11.23 11.49
C ASN B 108 19.06 -10.98 10.17
N ASP B 109 19.08 -11.95 9.26
CA ASP B 109 19.80 -11.81 7.99
C ASP B 109 19.07 -12.58 6.91
N PRO B 110 17.90 -12.09 6.47
CA PRO B 110 17.17 -12.82 5.42
C PRO B 110 17.93 -12.92 4.11
N VAL B 111 18.68 -11.90 3.73
CA VAL B 111 19.41 -11.94 2.46
C VAL B 111 20.45 -13.05 2.49
N GLY B 112 21.23 -13.10 3.58
CA GLY B 112 22.22 -14.16 3.72
C GLY B 112 21.58 -15.53 3.72
N PHE B 113 20.41 -15.66 4.35
CA PHE B 113 19.75 -16.96 4.39
C PHE B 113 19.36 -17.42 3.00
N THR B 114 18.66 -16.57 2.23
CA THR B 114 18.20 -17.01 0.91
C THR B 114 19.36 -17.30 0.00
N LEU B 115 20.48 -16.60 0.21
CA LEU B 115 21.67 -16.75 -0.62
C LEU B 115 22.40 -18.06 -0.32
N LYS B 116 22.38 -18.52 0.93
CA LYS B 116 23.12 -19.69 1.36
C LYS B 116 22.32 -20.98 1.33
N ASN B 117 21.03 -20.93 1.00
CA ASN B 117 20.20 -22.12 1.14
C ASN B 117 19.49 -22.43 -0.17
N THR B 118 18.89 -23.63 -0.21
CA THR B 118 18.28 -24.12 -1.43
C THR B 118 16.89 -24.66 -1.12
N VAL B 119 15.99 -24.45 -2.06
CA VAL B 119 14.61 -24.91 -1.95
C VAL B 119 14.51 -26.30 -2.56
N CYS B 120 13.97 -27.24 -1.79
CA CYS B 120 13.72 -28.58 -2.32
C CYS B 120 12.67 -28.53 -3.42
N THR B 121 13.00 -29.14 -4.56
CA THR B 121 12.16 -29.02 -5.75
C THR B 121 10.91 -29.89 -5.72
N VAL B 122 10.77 -30.81 -4.77
CA VAL B 122 9.59 -31.68 -4.72
C VAL B 122 8.61 -31.23 -3.64
N CYS B 123 9.09 -30.78 -2.48
CA CYS B 123 8.18 -30.36 -1.42
C CYS B 123 8.10 -28.85 -1.21
N GLY B 124 9.02 -28.07 -1.76
CA GLY B 124 8.98 -26.63 -1.63
C GLY B 124 9.49 -26.07 -0.32
N MET B 125 9.98 -26.92 0.58
CA MET B 125 10.57 -26.47 1.84
C MET B 125 12.06 -26.20 1.65
N TRP B 126 12.62 -25.45 2.59
CA TRP B 126 14.07 -25.24 2.61
C TRP B 126 14.77 -26.55 2.93
N LYS B 127 15.84 -26.84 2.20
CA LYS B 127 16.69 -27.99 2.52
C LYS B 127 17.31 -27.77 3.90
N GLY B 128 17.07 -28.71 4.80
CA GLY B 128 17.59 -28.59 6.16
C GLY B 128 16.79 -27.68 7.07
N TYR B 129 15.68 -27.12 6.60
CA TYR B 129 14.86 -26.26 7.45
C TYR B 129 13.39 -26.54 7.19
N GLY B 130 13.04 -27.82 7.06
CA GLY B 130 11.66 -28.21 6.83
C GLY B 130 11.47 -29.33 5.83
N CYS B 131 12.42 -29.51 4.92
CA CYS B 131 12.28 -30.55 3.91
C CYS B 131 12.43 -31.94 4.54
N SER B 132 11.44 -32.80 4.29
CA SER B 132 11.36 -34.13 4.91
C SER B 132 11.76 -35.25 3.98
N CYS B 133 12.30 -34.94 2.80
CA CYS B 133 12.19 -35.84 1.66
C CYS B 133 13.17 -37.01 1.67
N ASP B 134 14.22 -36.96 2.48
CA ASP B 134 15.26 -37.98 2.44
C ASP B 134 15.35 -38.79 3.72
N GLN B 135 14.48 -38.53 4.70
CA GLN B 135 14.41 -39.32 5.93
C GLN B 135 14.26 -40.81 5.64
#